data_9DTB
#
_entry.id   9DTB
#
_cell.length_a   78.834
_cell.length_b   132.976
_cell.length_c   119.620
_cell.angle_alpha   90.00
_cell.angle_beta   90.00
_cell.angle_gamma   90.00
#
_symmetry.space_group_name_H-M   'C 2 2 21'
#
loop_
_entity.id
_entity.type
_entity.pdbx_description
1 polymer 'WD repeat-containing protein 91'
2 non-polymer N-[(1R)-4-cyano-2,3-dihydro-1H-inden-1-yl]-4-[(quinazolin-4-yl)amino]benzamide
3 non-polymer 'UNKNOWN ATOM OR ION'
4 water water
#
_entity_poly.entity_id   1
_entity_poly.type   'polypeptide(L)'
_entity_poly.pdbx_seq_one_letter_code
;MHHHHHHSSGRENLYFQGPEQPFIVLGQEEYGEHHSSIMHCRVDCSGRRVASLDVDGVIKVWSFNPIMQTKASSISKSPL
LSLEWATKRDRLLLLGSGVGTVRLYDTEAKKNLCEININDNMPRILSLACSPNGASFVCSAAAPSLTSQVDFSAPDIGSK
GMNQVPGRLLLWDTKTMKQQLQFSLDPEPIAINCTAFNHNGNLLVTGAADGVIRLFDMQQHECAMSWRAHYGEVYSVEFS
YDENTVYSIGEDGKFIQWNIHKSGLKVSEYSLPSDATGPFVLSGYSGYKQVQVPRGRLFAFDSEGNYMLTCSATGGVIYK
LGGDEKVLESCLSLGGHRAPVVTVDWSTAMDCGTCLTASMDGKIKLTTLLAHKA
;
_entity_poly.pdbx_strand_id   A
#
# COMPACT_ATOMS: atom_id res chain seq x y z
N GLN A 21 -14.15 -0.09 24.44
CA GLN A 21 -12.80 -0.53 23.99
C GLN A 21 -12.92 -1.91 23.34
N PRO A 22 -12.86 -2.01 21.99
CA PRO A 22 -12.58 -3.28 21.31
C PRO A 22 -11.11 -3.76 21.26
N PHE A 23 -10.17 -2.88 21.66
CA PHE A 23 -8.75 -3.26 21.73
C PHE A 23 -8.13 -2.75 23.02
N ILE A 24 -7.20 -3.50 23.60
CA ILE A 24 -6.29 -2.96 24.59
C ILE A 24 -4.94 -2.66 23.94
N VAL A 25 -4.36 -1.51 24.32
CA VAL A 25 -3.06 -1.07 23.82
C VAL A 25 -1.96 -1.57 24.76
N LEU A 26 -1.15 -2.53 24.29
CA LEU A 26 -0.11 -3.15 25.11
C LEU A 26 1.19 -2.35 25.06
N GLY A 27 1.38 -1.51 24.05
CA GLY A 27 2.55 -0.64 24.00
C GLY A 27 2.58 0.19 22.71
N GLN A 28 3.36 1.29 22.77
CA GLN A 28 3.68 2.09 21.60
C GLN A 28 5.18 2.34 21.57
N GLU A 29 5.86 1.85 20.54
CA GLU A 29 7.29 2.08 20.35
C GLU A 29 7.53 2.93 19.11
N GLU A 30 8.74 3.48 19.03
CA GLU A 30 9.16 4.33 17.93
C GLU A 30 10.38 3.71 17.27
N TYR A 31 10.26 3.48 15.95
CA TYR A 31 11.42 3.18 15.11
C TYR A 31 11.83 4.46 14.41
N GLY A 32 13.12 4.82 14.55
CA GLY A 32 13.56 6.17 14.21
C GLY A 32 14.83 6.19 13.36
N GLU A 33 15.11 5.09 12.65
CA GLU A 33 16.36 4.98 11.91
C GLU A 33 16.29 5.77 10.59
N HIS A 34 15.07 6.11 10.13
CA HIS A 34 14.89 6.93 8.93
C HIS A 34 14.95 8.42 9.30
N HIS A 35 15.62 9.19 8.44
CA HIS A 35 15.80 10.63 8.66
C HIS A 35 15.00 11.43 7.63
N SER A 36 14.22 10.72 6.79
CA SER A 36 13.40 11.30 5.75
C SER A 36 11.98 10.77 5.84
N SER A 37 11.04 11.51 5.24
CA SER A 37 9.64 11.12 5.21
C SER A 37 9.50 9.69 4.66
N ILE A 38 8.58 8.94 5.27
CA ILE A 38 8.38 7.54 4.92
C ILE A 38 7.47 7.46 3.71
N MET A 39 7.80 6.54 2.80
CA MET A 39 6.99 6.30 1.61
C MET A 39 6.10 5.07 1.81
N HIS A 40 6.71 3.98 2.30
CA HIS A 40 6.04 2.72 2.52
C HIS A 40 6.61 2.03 3.76
N CYS A 41 5.73 1.39 4.56
CA CYS A 41 6.16 0.45 5.59
C CYS A 41 5.17 -0.70 5.67
N ARG A 42 5.67 -1.92 5.52
CA ARG A 42 4.81 -3.08 5.42
C ARG A 42 5.38 -4.19 6.31
N VAL A 43 4.49 -4.90 6.98
CA VAL A 43 4.90 -6.07 7.73
C VAL A 43 4.93 -7.26 6.78
N ASP A 44 5.92 -8.14 6.98
CA ASP A 44 6.06 -9.33 6.15
C ASP A 44 4.95 -10.33 6.47
N CYS A 45 4.95 -11.48 5.77
CA CYS A 45 3.84 -12.42 5.81
C CYS A 45 3.90 -13.27 7.08
N SER A 46 5.10 -13.37 7.68
CA SER A 46 5.25 -14.06 8.95
C SER A 46 4.75 -13.16 10.09
N GLY A 47 4.58 -11.85 9.80
CA GLY A 47 4.10 -10.90 10.78
C GLY A 47 5.18 -10.49 11.80
N ARG A 48 6.47 -10.70 11.46
CA ARG A 48 7.58 -10.54 12.40
C ARG A 48 8.64 -9.53 11.92
N ARG A 49 8.54 -9.06 10.66
CA ARG A 49 9.54 -8.16 10.12
C ARG A 49 8.85 -6.97 9.45
N VAL A 50 9.52 -5.81 9.46
CA VAL A 50 9.06 -4.64 8.73
C VAL A 50 10.08 -4.30 7.66
N ALA A 51 9.58 -3.98 6.46
CA ALA A 51 10.35 -3.27 5.46
C ALA A 51 9.80 -1.86 5.28
N SER A 52 10.68 -0.87 5.43
CA SER A 52 10.27 0.51 5.32
C SER A 52 11.19 1.26 4.34
N LEU A 53 10.60 2.19 3.60
CA LEU A 53 11.30 2.94 2.58
C LEU A 53 10.97 4.41 2.73
N ASP A 54 11.99 5.26 2.71
CA ASP A 54 11.81 6.71 2.81
C ASP A 54 12.08 7.36 1.45
N VAL A 55 11.89 8.68 1.36
CA VAL A 55 11.90 9.39 0.09
C VAL A 55 13.35 9.58 -0.42
N ASP A 56 14.35 9.37 0.44
CA ASP A 56 15.74 9.38 0.02
C ASP A 56 16.20 7.99 -0.42
N GLY A 57 15.27 7.05 -0.56
CA GLY A 57 15.58 5.71 -1.05
C GLY A 57 16.34 4.83 -0.03
N VAL A 58 16.24 5.14 1.27
CA VAL A 58 16.72 4.22 2.30
C VAL A 58 15.67 3.13 2.51
N ILE A 59 16.07 1.89 2.25
CA ILE A 59 15.31 0.71 2.64
C ILE A 59 15.86 0.18 3.97
N LYS A 60 14.99 0.02 4.97
CA LYS A 60 15.38 -0.60 6.22
C LYS A 60 14.53 -1.86 6.41
N VAL A 61 15.16 -2.89 6.99
CA VAL A 61 14.48 -4.10 7.37
C VAL A 61 14.75 -4.36 8.84
N TRP A 62 13.68 -4.59 9.61
CA TRP A 62 13.80 -4.59 11.06
C TRP A 62 12.75 -5.47 11.72
N SER A 63 13.11 -6.03 12.88
CA SER A 63 12.16 -6.73 13.74
C SER A 63 11.76 -5.82 14.89
N PHE A 64 10.71 -6.21 15.63
CA PHE A 64 10.15 -5.37 16.69
C PHE A 64 9.67 -6.19 17.89
N ASN A 65 9.70 -7.54 17.78
CA ASN A 65 9.23 -8.42 18.84
C ASN A 65 10.38 -9.31 19.25
N PRO A 66 10.96 -9.17 20.48
CA PRO A 66 10.43 -8.30 21.54
C PRO A 66 10.97 -6.86 21.63
N ILE A 67 11.99 -6.56 20.82
CA ILE A 67 12.51 -5.20 20.72
C ILE A 67 12.76 -4.88 19.25
N MET A 68 12.93 -3.59 18.99
CA MET A 68 13.28 -3.13 17.66
C MET A 68 14.75 -3.38 17.41
N GLN A 69 15.06 -4.10 16.32
CA GLN A 69 16.43 -4.15 15.86
C GLN A 69 16.45 -4.24 14.34
N THR A 70 17.52 -3.67 13.75
CA THR A 70 17.64 -3.50 12.31
C THR A 70 18.42 -4.69 11.76
N LYS A 71 17.86 -5.34 10.73
CA LYS A 71 18.49 -6.51 10.12
C LYS A 71 19.28 -6.10 8.87
N ALA A 72 18.82 -5.05 8.17
CA ALA A 72 19.45 -4.63 6.94
C ALA A 72 19.19 -3.14 6.68
N SER A 73 20.11 -2.51 5.95
CA SER A 73 20.04 -1.08 5.66
C SER A 73 20.82 -0.76 4.39
N SER A 74 20.14 -0.19 3.39
CA SER A 74 20.77 0.09 2.10
C SER A 74 20.21 1.37 1.51
N ILE A 75 21.13 2.21 0.98
CA ILE A 75 20.79 3.34 0.11
C ILE A 75 20.60 2.81 -1.30
N SER A 76 19.45 3.11 -1.91
CA SER A 76 19.28 2.80 -3.32
C SER A 76 20.00 3.88 -4.15
N LYS A 77 20.78 3.43 -5.14
CA LYS A 77 21.35 4.35 -6.13
C LYS A 77 20.21 4.92 -6.97
N SER A 78 19.21 4.07 -7.26
CA SER A 78 18.04 4.44 -8.06
C SER A 78 16.89 4.91 -7.17
N PRO A 79 16.02 5.82 -7.65
CA PRO A 79 14.73 6.06 -7.00
C PRO A 79 13.92 4.77 -6.85
N LEU A 80 13.34 4.60 -5.65
CA LEU A 80 12.47 3.46 -5.34
C LEU A 80 11.09 3.99 -5.05
N LEU A 81 10.08 3.34 -5.64
CA LEU A 81 8.70 3.82 -5.59
C LEU A 81 7.79 2.82 -4.88
N SER A 82 8.20 1.54 -4.80
CA SER A 82 7.28 0.49 -4.35
C SER A 82 8.03 -0.66 -3.70
N LEU A 83 7.26 -1.42 -2.94
CA LEU A 83 7.76 -2.45 -2.06
C LEU A 83 6.64 -3.46 -1.83
N GLU A 84 6.99 -4.76 -1.87
CA GLU A 84 6.04 -5.83 -1.64
C GLU A 84 6.79 -7.04 -1.12
N TRP A 85 6.34 -7.58 0.02
CA TRP A 85 6.87 -8.83 0.55
C TRP A 85 6.34 -10.00 -0.28
N ALA A 86 7.19 -10.99 -0.51
CA ALA A 86 6.76 -12.25 -1.11
C ALA A 86 5.90 -13.03 -0.12
N THR A 87 5.01 -13.86 -0.65
CA THR A 87 4.04 -14.58 0.18
C THR A 87 4.54 -15.96 0.59
N LYS A 88 5.29 -16.66 -0.28
CA LYS A 88 5.60 -18.06 -0.03
C LYS A 88 7.09 -18.26 0.22
N ARG A 89 7.86 -17.17 0.20
CA ARG A 89 9.23 -17.19 0.68
C ARG A 89 9.43 -15.90 1.46
N ASP A 90 9.22 -16.02 2.77
CA ASP A 90 9.01 -14.93 3.71
C ASP A 90 10.06 -13.83 3.58
N ARG A 91 11.30 -14.26 3.31
CA ARG A 91 12.49 -13.42 3.44
C ARG A 91 12.74 -12.60 2.16
N LEU A 92 11.92 -12.80 1.10
CA LEU A 92 12.14 -12.14 -0.17
C LEU A 92 11.29 -10.85 -0.24
N LEU A 93 11.93 -9.76 -0.69
CA LEU A 93 11.27 -8.48 -0.84
C LEU A 93 11.40 -8.00 -2.29
N LEU A 94 10.27 -7.64 -2.90
CA LEU A 94 10.22 -7.05 -4.23
C LEU A 94 10.28 -5.53 -4.09
N LEU A 95 11.06 -4.89 -4.97
CA LEU A 95 11.27 -3.45 -4.93
C LEU A 95 11.12 -2.88 -6.34
N GLY A 96 10.26 -1.90 -6.48
CA GLY A 96 10.03 -1.31 -7.77
C GLY A 96 10.67 0.07 -7.83
N SER A 97 11.38 0.31 -8.94
CA SER A 97 12.22 1.48 -9.08
C SER A 97 11.49 2.55 -9.87
N GLY A 98 12.12 3.73 -9.95
CA GLY A 98 11.69 4.80 -10.82
C GLY A 98 12.45 4.80 -12.14
N VAL A 99 13.26 3.74 -12.37
CA VAL A 99 13.99 3.59 -13.63
C VAL A 99 13.56 2.28 -14.30
N GLY A 100 12.31 1.90 -14.11
CA GLY A 100 11.75 0.77 -14.84
C GLY A 100 12.46 -0.56 -14.53
N THR A 101 12.73 -0.84 -13.25
CA THR A 101 13.31 -2.13 -12.85
C THR A 101 12.52 -2.70 -11.68
N VAL A 102 12.46 -4.04 -11.64
CA VAL A 102 12.01 -4.75 -10.46
C VAL A 102 13.20 -5.48 -9.84
N ARG A 103 13.46 -5.18 -8.56
N ARG A 103 13.44 -5.20 -8.55
CA ARG A 103 14.59 -5.77 -7.84
CA ARG A 103 14.56 -5.74 -7.81
C ARG A 103 14.05 -6.79 -6.85
C ARG A 103 14.02 -6.80 -6.85
N LEU A 104 14.74 -7.93 -6.73
CA LEU A 104 14.39 -8.97 -5.79
C LEU A 104 15.48 -9.04 -4.73
N TYR A 105 15.12 -8.71 -3.48
CA TYR A 105 16.10 -8.57 -2.40
C TYR A 105 15.89 -9.67 -1.37
N ASP A 106 16.97 -10.37 -1.03
CA ASP A 106 16.94 -11.37 0.01
C ASP A 106 17.32 -10.72 1.33
N THR A 107 16.31 -10.56 2.21
CA THR A 107 16.50 -9.85 3.48
C THR A 107 17.40 -10.67 4.38
N GLU A 108 17.35 -12.00 4.24
CA GLU A 108 18.11 -12.88 5.11
C GLU A 108 19.57 -12.91 4.67
N ALA A 109 19.82 -12.93 3.34
CA ALA A 109 21.17 -12.98 2.81
C ALA A 109 21.72 -11.57 2.53
N LYS A 110 20.89 -10.55 2.72
CA LYS A 110 21.29 -9.16 2.60
C LYS A 110 21.97 -8.90 1.24
N LYS A 111 21.37 -9.41 0.15
CA LYS A 111 21.86 -9.14 -1.19
C LYS A 111 20.72 -9.28 -2.21
N ASN A 112 20.87 -8.60 -3.36
CA ASN A 112 19.92 -8.66 -4.46
C ASN A 112 20.09 -9.96 -5.23
N LEU A 113 18.98 -10.68 -5.47
CA LEU A 113 19.01 -11.94 -6.21
C LEU A 113 18.99 -11.64 -7.70
N CYS A 114 18.25 -10.58 -8.09
CA CYS A 114 18.19 -10.17 -9.49
C CYS A 114 17.56 -8.78 -9.59
N GLU A 115 17.82 -8.12 -10.70
CA GLU A 115 17.16 -6.87 -11.03
C GLU A 115 16.77 -6.90 -12.50
N ILE A 116 15.46 -6.91 -12.75
CA ILE A 116 14.98 -7.09 -14.11
C ILE A 116 14.49 -5.76 -14.64
N ASN A 117 15.03 -5.41 -15.81
CA ASN A 117 14.60 -4.26 -16.57
C ASN A 117 13.31 -4.58 -17.28
N ILE A 118 12.37 -3.64 -17.24
CA ILE A 118 11.14 -3.74 -18.00
C ILE A 118 11.38 -3.07 -19.36
N ASN A 119 11.34 -3.91 -20.41
CA ASN A 119 11.76 -3.50 -21.75
C ASN A 119 10.69 -2.60 -22.37
N ASP A 120 10.53 -1.38 -21.80
CA ASP A 120 9.40 -0.53 -22.13
C ASP A 120 9.74 0.94 -21.90
N ASN A 121 8.71 1.78 -22.06
CA ASN A 121 8.80 3.23 -21.94
C ASN A 121 8.07 3.73 -20.67
N MET A 122 7.95 2.87 -19.67
CA MET A 122 7.15 3.17 -18.49
C MET A 122 7.98 2.98 -17.25
N PRO A 123 8.81 3.95 -16.84
CA PRO A 123 9.78 3.70 -15.78
C PRO A 123 9.25 3.63 -14.34
N ARG A 124 8.04 4.14 -14.10
CA ARG A 124 7.60 4.31 -12.71
C ARG A 124 6.89 3.04 -12.24
N ILE A 125 7.58 2.21 -11.44
CA ILE A 125 6.98 1.02 -10.87
C ILE A 125 6.21 1.41 -9.60
N LEU A 126 4.93 1.81 -9.79
CA LEU A 126 4.13 2.45 -8.75
C LEU A 126 3.57 1.44 -7.74
N SER A 127 3.39 0.18 -8.14
CA SER A 127 2.68 -0.78 -7.31
C SER A 127 3.14 -2.20 -7.60
N LEU A 128 3.31 -3.00 -6.54
CA LEU A 128 3.67 -4.41 -6.66
C LEU A 128 2.70 -5.22 -5.81
N ALA A 129 2.21 -6.34 -6.37
CA ALA A 129 1.40 -7.26 -5.61
C ALA A 129 1.88 -8.68 -5.90
N CYS A 130 2.20 -9.43 -4.83
CA CYS A 130 2.60 -10.82 -4.95
C CYS A 130 1.36 -11.69 -4.77
N SER A 131 1.20 -12.65 -5.66
CA SER A 131 0.13 -13.63 -5.56
C SER A 131 0.21 -14.41 -4.23
N PRO A 132 -0.93 -14.71 -3.58
CA PRO A 132 -0.96 -15.57 -2.40
C PRO A 132 -0.26 -16.92 -2.57
N ASN A 133 -0.37 -17.53 -3.77
CA ASN A 133 0.18 -18.88 -3.99
C ASN A 133 1.67 -18.81 -4.31
N GLY A 134 2.15 -17.60 -4.61
CA GLY A 134 3.58 -17.34 -4.66
C GLY A 134 4.17 -17.59 -6.04
N ALA A 135 3.34 -17.99 -7.01
CA ALA A 135 3.82 -18.38 -8.32
C ALA A 135 3.88 -17.16 -9.26
N SER A 136 3.34 -16.01 -8.82
CA SER A 136 3.19 -14.89 -9.72
C SER A 136 3.19 -13.58 -8.95
N PHE A 137 3.52 -12.48 -9.64
CA PHE A 137 3.34 -11.15 -9.09
C PHE A 137 2.97 -10.22 -10.23
N VAL A 138 2.45 -9.08 -9.86
CA VAL A 138 2.00 -8.08 -10.79
C VAL A 138 2.72 -6.79 -10.42
N CYS A 139 3.01 -5.94 -11.41
CA CYS A 139 3.45 -4.60 -11.12
C CYS A 139 2.75 -3.65 -12.07
N SER A 140 2.51 -2.42 -11.59
CA SER A 140 2.13 -1.34 -12.47
C SER A 140 3.41 -0.59 -12.86
N ALA A 141 3.45 -0.13 -14.11
CA ALA A 141 4.57 0.67 -14.60
C ALA A 141 4.01 1.85 -15.35
N ALA A 142 4.43 3.06 -14.96
CA ALA A 142 3.83 4.29 -15.48
C ALA A 142 4.84 5.16 -16.20
N ALA A 143 4.33 5.93 -17.15
CA ALA A 143 5.11 7.00 -17.77
C ALA A 143 5.47 8.03 -16.71
N PRO A 144 6.37 8.97 -17.03
CA PRO A 144 6.70 10.06 -16.13
C PRO A 144 5.47 10.93 -15.87
N SER A 145 5.38 11.48 -14.64
CA SER A 145 4.41 12.51 -14.35
C SER A 145 4.68 13.73 -15.22
N LEU A 146 3.62 14.48 -15.52
CA LEU A 146 3.70 15.67 -16.35
C LEU A 146 4.41 16.78 -15.57
N THR A 147 5.05 17.69 -16.35
CA THR A 147 5.72 18.88 -15.83
C THR A 147 4.76 19.65 -14.93
N MET A 162 -0.32 16.40 -14.09
CA MET A 162 -1.14 15.37 -13.38
C MET A 162 -0.33 14.07 -13.30
N ASN A 163 -0.94 13.05 -12.67
CA ASN A 163 -0.51 11.68 -12.82
C ASN A 163 -1.43 10.98 -13.84
N GLN A 164 -2.18 11.75 -14.64
CA GLN A 164 -3.09 11.15 -15.62
C GLN A 164 -2.31 10.85 -16.90
N VAL A 165 -1.36 9.92 -16.77
CA VAL A 165 -0.45 9.58 -17.84
C VAL A 165 -0.62 8.11 -18.14
N PRO A 166 -0.11 7.66 -19.31
CA PRO A 166 -0.15 6.25 -19.66
C PRO A 166 0.51 5.35 -18.62
N GLY A 167 0.01 4.13 -18.50
CA GLY A 167 0.60 3.13 -17.64
C GLY A 167 0.23 1.74 -18.14
N ARG A 168 0.96 0.73 -17.64
CA ARG A 168 0.70 -0.66 -17.99
C ARG A 168 0.54 -1.46 -16.71
N LEU A 169 0.01 -2.68 -16.85
CA LEU A 169 -0.06 -3.64 -15.74
C LEU A 169 0.56 -4.97 -16.18
N LEU A 170 1.61 -5.42 -15.48
CA LEU A 170 2.46 -6.53 -15.92
C LEU A 170 2.22 -7.72 -14.99
N LEU A 171 2.09 -8.92 -15.56
CA LEU A 171 2.02 -10.17 -14.83
C LEU A 171 3.34 -10.89 -15.05
N TRP A 172 3.90 -11.42 -13.95
CA TRP A 172 5.20 -12.06 -13.96
C TRP A 172 5.08 -13.44 -13.35
N ASP A 173 6.08 -14.27 -13.67
CA ASP A 173 6.28 -15.59 -13.12
C ASP A 173 7.42 -15.50 -12.09
N THR A 174 7.13 -15.81 -10.81
CA THR A 174 8.13 -15.65 -9.76
C THR A 174 9.24 -16.68 -9.91
N LYS A 175 8.97 -17.83 -10.52
CA LYS A 175 9.96 -18.88 -10.59
C LYS A 175 11.05 -18.52 -11.60
N THR A 176 10.75 -17.68 -12.60
CA THR A 176 11.75 -17.29 -13.61
C THR A 176 12.09 -15.81 -13.43
N MET A 177 11.22 -15.08 -12.75
CA MET A 177 11.32 -13.64 -12.65
C MET A 177 11.28 -13.04 -14.05
N LYS A 178 10.38 -13.54 -14.90
CA LYS A 178 10.19 -13.02 -16.23
C LYS A 178 8.74 -12.56 -16.37
N GLN A 179 8.52 -11.54 -17.23
CA GLN A 179 7.18 -11.14 -17.61
C GLN A 179 6.48 -12.25 -18.41
N GLN A 180 5.19 -12.44 -18.15
CA GLN A 180 4.36 -13.33 -18.95
C GLN A 180 3.45 -12.52 -19.89
N LEU A 181 2.82 -11.48 -19.37
CA LEU A 181 1.88 -10.73 -20.18
C LEU A 181 1.62 -9.38 -19.56
N GLN A 182 1.00 -8.50 -20.36
N GLN A 182 0.95 -8.51 -20.32
CA GLN A 182 0.45 -7.22 -19.91
CA GLN A 182 0.45 -7.25 -19.82
C GLN A 182 -1.05 -7.21 -20.13
C GLN A 182 -1.03 -7.14 -20.14
N PHE A 183 -1.82 -6.70 -19.16
CA PHE A 183 -3.25 -6.54 -19.31
C PHE A 183 -3.54 -5.23 -20.02
N SER A 184 -4.28 -5.30 -21.13
CA SER A 184 -4.81 -4.10 -21.74
C SER A 184 -5.71 -3.40 -20.73
N LEU A 185 -5.64 -2.05 -20.71
CA LEU A 185 -6.42 -1.19 -19.84
C LEU A 185 -7.36 -0.36 -20.70
N ASP A 186 -8.67 -0.40 -20.41
CA ASP A 186 -9.63 0.39 -21.17
C ASP A 186 -10.10 1.59 -20.32
N PRO A 187 -10.37 2.76 -20.93
CA PRO A 187 -10.37 2.94 -22.38
C PRO A 187 -8.98 3.17 -22.96
N GLU A 188 -8.01 3.39 -22.07
CA GLU A 188 -6.69 3.85 -22.45
C GLU A 188 -5.68 3.40 -21.40
N PRO A 189 -4.41 3.15 -21.79
CA PRO A 189 -3.30 3.02 -20.86
C PRO A 189 -3.31 4.12 -19.81
N ILE A 190 -3.17 3.75 -18.54
CA ILE A 190 -3.27 4.71 -17.46
C ILE A 190 -2.42 4.21 -16.32
N ALA A 191 -1.83 5.14 -15.57
CA ALA A 191 -1.03 4.80 -14.41
C ALA A 191 -1.91 4.13 -13.37
N ILE A 192 -1.43 3.00 -12.82
CA ILE A 192 -2.15 2.33 -11.75
C ILE A 192 -1.40 2.53 -10.43
N ASN A 193 -2.14 2.99 -9.43
CA ASN A 193 -1.55 3.39 -8.16
C ASN A 193 -1.51 2.24 -7.17
N CYS A 194 -2.50 1.33 -7.24
CA CYS A 194 -2.68 0.36 -6.18
C CYS A 194 -3.22 -0.95 -6.74
N THR A 195 -2.82 -2.05 -6.09
CA THR A 195 -3.15 -3.41 -6.48
C THR A 195 -3.36 -4.23 -5.21
N ALA A 196 -4.31 -5.17 -5.26
CA ALA A 196 -4.44 -6.18 -4.20
C ALA A 196 -5.09 -7.44 -4.76
N PHE A 197 -4.58 -8.59 -4.35
CA PHE A 197 -5.22 -9.87 -4.66
C PHE A 197 -6.31 -10.17 -3.62
N ASN A 198 -7.29 -11.00 -4.00
CA ASN A 198 -8.15 -11.66 -3.04
C ASN A 198 -7.36 -12.80 -2.37
N HIS A 199 -8.05 -13.52 -1.48
CA HIS A 199 -7.42 -14.50 -0.61
C HIS A 199 -6.83 -15.64 -1.46
N ASN A 200 -7.60 -16.12 -2.45
CA ASN A 200 -7.15 -17.21 -3.33
C ASN A 200 -6.19 -16.73 -4.43
N GLY A 201 -6.21 -15.44 -4.80
CA GLY A 201 -5.38 -14.97 -5.90
C GLY A 201 -6.06 -15.05 -7.28
N ASN A 202 -7.29 -15.51 -7.36
CA ASN A 202 -7.97 -15.57 -8.65
C ASN A 202 -8.49 -14.21 -9.09
N LEU A 203 -8.52 -13.21 -8.19
CA LEU A 203 -8.96 -11.86 -8.52
C LEU A 203 -7.91 -10.84 -8.08
N LEU A 204 -7.76 -9.79 -8.89
CA LEU A 204 -6.89 -8.67 -8.59
C LEU A 204 -7.70 -7.40 -8.77
N VAL A 205 -7.72 -6.56 -7.74
CA VAL A 205 -8.40 -5.30 -7.84
C VAL A 205 -7.33 -4.21 -7.88
N THR A 206 -7.57 -3.20 -8.73
CA THR A 206 -6.62 -2.14 -8.98
C THR A 206 -7.37 -0.82 -8.94
N GLY A 207 -6.64 0.24 -8.59
CA GLY A 207 -7.14 1.60 -8.74
C GLY A 207 -6.11 2.45 -9.46
N ALA A 208 -6.59 3.36 -10.30
CA ALA A 208 -5.77 4.06 -11.26
C ALA A 208 -5.93 5.56 -11.08
N ALA A 209 -5.12 6.30 -11.84
CA ALA A 209 -5.09 7.74 -11.74
C ALA A 209 -6.32 8.36 -12.42
N ASP A 210 -6.98 7.62 -13.31
CA ASP A 210 -8.17 8.15 -13.96
C ASP A 210 -9.39 7.99 -13.04
N GLY A 211 -9.16 7.57 -11.79
CA GLY A 211 -10.22 7.39 -10.80
C GLY A 211 -11.03 6.12 -11.00
N VAL A 212 -10.53 5.19 -11.84
CA VAL A 212 -11.31 4.02 -12.19
C VAL A 212 -10.72 2.82 -11.43
N ILE A 213 -11.62 1.95 -10.98
CA ILE A 213 -11.24 0.68 -10.40
C ILE A 213 -11.42 -0.39 -11.47
N ARG A 214 -10.39 -1.25 -11.62
CA ARG A 214 -10.45 -2.37 -12.56
C ARG A 214 -10.16 -3.66 -11.78
N LEU A 215 -11.09 -4.62 -11.91
CA LEU A 215 -10.95 -5.90 -11.25
C LEU A 215 -10.64 -6.96 -12.30
N PHE A 216 -9.58 -7.74 -12.07
CA PHE A 216 -9.09 -8.66 -13.08
C PHE A 216 -9.28 -10.09 -12.60
N ASP A 217 -9.78 -10.91 -13.51
CA ASP A 217 -9.80 -12.34 -13.35
C ASP A 217 -8.43 -12.86 -13.77
N MET A 218 -7.71 -13.43 -12.80
CA MET A 218 -6.31 -13.77 -12.95
C MET A 218 -6.16 -15.19 -13.48
N GLN A 219 -7.28 -15.88 -13.73
CA GLN A 219 -7.24 -17.18 -14.39
C GLN A 219 -7.45 -16.99 -15.90
N GLN A 220 -8.39 -16.11 -16.27
CA GLN A 220 -8.72 -15.85 -17.66
C GLN A 220 -7.86 -14.70 -18.18
N HIS A 221 -7.19 -13.99 -17.27
CA HIS A 221 -6.39 -12.85 -17.64
C HIS A 221 -7.23 -11.85 -18.41
N GLU A 222 -8.31 -11.35 -17.80
CA GLU A 222 -9.09 -10.26 -18.37
C GLU A 222 -9.78 -9.45 -17.27
N CYS A 223 -10.27 -8.27 -17.65
CA CYS A 223 -11.02 -7.40 -16.78
C CYS A 223 -12.45 -7.93 -16.63
N ALA A 224 -12.79 -8.39 -15.42
CA ALA A 224 -14.13 -8.88 -15.11
C ALA A 224 -15.10 -7.73 -15.02
N MET A 225 -14.60 -6.57 -14.58
CA MET A 225 -15.45 -5.54 -14.00
C MET A 225 -14.63 -4.27 -13.89
N SER A 226 -15.24 -3.11 -14.16
CA SER A 226 -14.59 -1.84 -13.90
C SER A 226 -15.64 -0.75 -13.75
N TRP A 227 -15.31 0.29 -12.98
CA TRP A 227 -16.26 1.37 -12.78
C TRP A 227 -15.52 2.60 -12.30
N ARG A 228 -16.20 3.73 -12.43
CA ARG A 228 -15.69 5.00 -11.94
C ARG A 228 -15.91 5.07 -10.43
N ALA A 229 -14.81 5.21 -9.68
CA ALA A 229 -14.84 5.08 -8.25
C ALA A 229 -14.69 6.44 -7.55
N HIS A 230 -13.76 7.29 -8.04
CA HIS A 230 -13.45 8.56 -7.41
C HIS A 230 -13.34 9.67 -8.46
N TYR A 231 -13.63 10.91 -8.04
N TYR A 231 -13.56 10.91 -8.03
CA TYR A 231 -13.16 12.10 -8.72
CA TYR A 231 -13.18 12.08 -8.79
C TYR A 231 -11.67 12.26 -8.39
C TYR A 231 -11.72 12.41 -8.45
N GLY A 232 -10.83 12.15 -9.41
CA GLY A 232 -9.39 12.16 -9.19
C GLY A 232 -8.89 10.74 -8.98
N GLU A 233 -7.73 10.62 -8.32
CA GLU A 233 -7.00 9.36 -8.29
C GLU A 233 -7.59 8.41 -7.24
N VAL A 234 -7.47 7.10 -7.52
CA VAL A 234 -7.65 6.07 -6.52
C VAL A 234 -6.28 5.79 -5.91
N TYR A 235 -6.21 5.79 -4.57
CA TYR A 235 -4.96 5.62 -3.86
C TYR A 235 -4.79 4.22 -3.23
N SER A 236 -5.88 3.63 -2.72
CA SER A 236 -5.83 2.29 -2.16
C SER A 236 -7.13 1.54 -2.44
N VAL A 237 -6.99 0.23 -2.55
CA VAL A 237 -8.06 -0.72 -2.81
C VAL A 237 -7.79 -1.98 -2.00
N GLU A 238 -8.87 -2.63 -1.56
CA GLU A 238 -8.74 -3.82 -0.75
C GLU A 238 -10.04 -4.63 -0.85
N PHE A 239 -9.92 -5.95 -0.83
CA PHE A 239 -11.07 -6.83 -0.68
C PHE A 239 -11.52 -6.80 0.77
N SER A 240 -12.83 -6.79 1.01
CA SER A 240 -13.37 -7.12 2.31
C SER A 240 -12.99 -8.56 2.66
N TYR A 241 -13.02 -8.86 3.95
CA TYR A 241 -12.70 -10.18 4.46
C TYR A 241 -13.55 -11.24 3.75
N ASP A 242 -14.85 -10.95 3.61
CA ASP A 242 -15.81 -11.89 3.04
C ASP A 242 -15.82 -11.79 1.51
N GLU A 243 -15.20 -10.74 0.95
CA GLU A 243 -14.98 -10.63 -0.50
C GLU A 243 -16.29 -10.39 -1.25
N ASN A 244 -17.32 -9.89 -0.55
CA ASN A 244 -18.51 -9.41 -1.24
C ASN A 244 -18.32 -7.96 -1.67
N THR A 245 -17.29 -7.29 -1.12
CA THR A 245 -17.10 -5.87 -1.40
C THR A 245 -15.61 -5.59 -1.55
N VAL A 246 -15.31 -4.48 -2.23
CA VAL A 246 -13.98 -3.92 -2.16
C VAL A 246 -14.09 -2.51 -1.62
N TYR A 247 -13.07 -2.11 -0.88
CA TYR A 247 -12.97 -0.79 -0.29
C TYR A 247 -11.95 0.02 -1.07
N SER A 248 -12.23 1.33 -1.20
CA SER A 248 -11.34 2.21 -1.91
C SER A 248 -11.28 3.56 -1.21
N ILE A 249 -10.12 4.21 -1.33
CA ILE A 249 -9.92 5.57 -0.87
C ILE A 249 -9.17 6.32 -1.95
N GLY A 250 -9.54 7.60 -2.15
CA GLY A 250 -9.10 8.37 -3.30
C GLY A 250 -9.02 9.89 -3.04
N GLU A 251 -8.73 10.64 -4.11
CA GLU A 251 -8.29 12.02 -4.02
C GLU A 251 -9.44 12.95 -3.61
N ASP A 252 -10.68 12.54 -3.87
CA ASP A 252 -11.87 13.29 -3.49
C ASP A 252 -12.14 13.16 -1.99
N GLY A 253 -11.29 12.40 -1.27
CA GLY A 253 -11.35 12.37 0.19
C GLY A 253 -12.33 11.31 0.74
N LYS A 254 -12.91 10.52 -0.17
CA LYS A 254 -13.97 9.57 0.13
C LYS A 254 -13.42 8.16 0.36
N PHE A 255 -13.97 7.49 1.38
CA PHE A 255 -13.81 6.06 1.59
C PHE A 255 -15.10 5.39 1.13
N ILE A 256 -14.98 4.41 0.23
CA ILE A 256 -16.16 3.84 -0.39
C ILE A 256 -16.07 2.32 -0.39
N GLN A 257 -17.24 1.72 -0.19
CA GLN A 257 -17.38 0.27 -0.24
C GLN A 257 -18.30 -0.09 -1.39
N TRP A 258 -17.82 -1.00 -2.23
CA TRP A 258 -18.45 -1.32 -3.51
C TRP A 258 -18.89 -2.79 -3.52
N ASN A 259 -20.02 -3.03 -4.19
CA ASN A 259 -20.59 -4.34 -4.31
C ASN A 259 -19.88 -5.05 -5.46
N ILE A 260 -19.14 -6.12 -5.13
CA ILE A 260 -18.31 -6.85 -6.09
C ILE A 260 -19.19 -7.59 -7.11
N HIS A 261 -20.50 -7.72 -6.82
CA HIS A 261 -21.39 -8.49 -7.68
C HIS A 261 -22.09 -7.60 -8.72
N LYS A 262 -22.06 -6.27 -8.51
CA LYS A 262 -22.80 -5.31 -9.32
C LYS A 262 -21.96 -4.04 -9.51
N SER A 263 -21.46 -3.85 -10.73
CA SER A 263 -20.36 -2.93 -11.03
C SER A 263 -20.76 -1.47 -10.77
N GLY A 264 -20.07 -0.80 -9.83
CA GLY A 264 -20.31 0.62 -9.55
C GLY A 264 -21.47 0.87 -8.58
N LEU A 265 -22.09 -0.22 -8.09
CA LEU A 265 -23.11 -0.10 -7.05
C LEU A 265 -22.40 0.09 -5.71
N LYS A 266 -22.65 1.21 -5.08
CA LYS A 266 -22.03 1.50 -3.79
C LYS A 266 -22.79 0.74 -2.71
N VAL A 267 -22.05 0.24 -1.72
CA VAL A 267 -22.65 -0.23 -0.49
C VAL A 267 -22.69 0.91 0.51
N SER A 268 -21.60 1.65 0.61
CA SER A 268 -21.54 2.75 1.55
C SER A 268 -20.38 3.66 1.21
N GLU A 269 -20.45 4.88 1.71
CA GLU A 269 -19.63 5.98 1.23
C GLU A 269 -19.49 6.99 2.36
N TYR A 270 -18.26 7.37 2.69
CA TYR A 270 -18.01 8.33 3.74
C TYR A 270 -16.96 9.33 3.26
N SER A 271 -17.12 10.57 3.72
CA SER A 271 -16.09 11.60 3.63
C SER A 271 -15.19 11.53 4.85
N LEU A 272 -13.98 11.03 4.68
CA LEU A 272 -12.97 11.05 5.72
C LEU A 272 -12.48 12.48 5.93
N PRO A 273 -11.89 12.77 7.10
CA PRO A 273 -11.21 14.05 7.29
C PRO A 273 -10.10 14.16 6.26
N SER A 274 -9.80 15.40 5.86
CA SER A 274 -8.91 15.66 4.73
C SER A 274 -7.51 15.12 5.01
N ASP A 275 -7.13 15.05 6.29
CA ASP A 275 -5.80 14.60 6.71
C ASP A 275 -5.66 13.06 6.64
N ALA A 276 -6.69 12.39 6.14
CA ALA A 276 -6.63 10.98 5.83
C ALA A 276 -6.04 10.76 4.42
N THR A 277 -6.25 11.73 3.51
CA THR A 277 -5.88 11.52 2.13
C THR A 277 -4.96 12.65 1.66
N GLY A 278 -4.67 13.61 2.53
CA GLY A 278 -3.71 14.64 2.20
C GLY A 278 -4.24 15.58 1.12
N PRO A 279 -3.36 16.24 0.33
CA PRO A 279 -1.92 16.00 0.38
C PRO A 279 -1.29 16.43 1.70
N PHE A 280 -0.19 15.76 2.07
CA PHE A 280 0.39 15.87 3.39
C PHE A 280 1.47 16.96 3.41
N VAL A 281 1.33 17.91 4.34
CA VAL A 281 2.15 19.09 4.37
C VAL A 281 2.86 19.18 5.71
N LEU A 282 4.14 19.53 5.67
CA LEU A 282 4.92 19.87 6.85
C LEU A 282 5.60 21.21 6.60
N SER A 283 5.13 22.25 7.30
CA SER A 283 5.50 23.64 7.02
C SER A 283 6.61 24.10 7.98
N TYR A 285 10.28 27.15 10.29
CA TYR A 285 10.25 27.26 8.81
C TYR A 285 10.15 28.74 8.46
N SER A 286 10.41 29.06 7.19
CA SER A 286 10.27 30.43 6.70
C SER A 286 9.83 30.43 5.25
N GLY A 287 8.57 30.05 5.03
CA GLY A 287 8.03 29.91 3.69
C GLY A 287 8.51 28.63 3.02
N TYR A 288 8.97 27.65 3.83
CA TYR A 288 9.44 26.39 3.31
C TYR A 288 8.45 25.29 3.73
N LYS A 289 8.07 24.42 2.79
CA LYS A 289 7.20 23.33 3.15
C LYS A 289 7.58 22.08 2.37
N GLN A 290 7.27 20.92 2.94
CA GLN A 290 7.35 19.63 2.28
C GLN A 290 5.95 19.13 2.03
N VAL A 291 5.71 18.68 0.81
CA VAL A 291 4.40 18.21 0.37
C VAL A 291 4.54 16.80 -0.18
N GLN A 292 3.69 15.89 0.32
CA GLN A 292 3.72 14.48 -0.05
C GLN A 292 2.32 14.08 -0.49
N VAL A 293 2.21 13.53 -1.69
CA VAL A 293 0.95 13.02 -2.17
C VAL A 293 0.89 11.54 -1.82
N PRO A 294 -0.30 10.96 -1.56
CA PRO A 294 -0.37 9.56 -1.19
C PRO A 294 0.34 8.66 -2.20
N ARG A 295 1.00 7.61 -1.69
N ARG A 295 1.07 7.67 -1.68
CA ARG A 295 1.85 6.74 -2.49
CA ARG A 295 1.79 6.70 -2.50
C ARG A 295 1.81 5.33 -1.90
C ARG A 295 1.63 5.33 -1.86
N GLY A 296 1.92 5.24 -0.56
CA GLY A 296 1.76 4.01 0.17
C GLY A 296 0.29 3.77 0.53
N ARG A 297 0.01 2.64 1.18
N ARG A 297 0.02 2.60 1.13
CA ARG A 297 -1.35 2.31 1.57
CA ARG A 297 -1.28 2.27 1.71
C ARG A 297 -1.86 3.26 2.66
C ARG A 297 -1.77 3.41 2.60
N LEU A 298 -3.02 3.85 2.38
CA LEU A 298 -3.64 4.85 3.23
C LEU A 298 -4.55 4.19 4.27
N PHE A 299 -4.86 2.89 4.12
CA PHE A 299 -5.73 2.23 5.08
C PHE A 299 -5.22 0.81 5.33
N ALA A 300 -5.56 0.24 6.47
CA ALA A 300 -5.25 -1.16 6.74
C ALA A 300 -6.32 -1.72 7.69
N PHE A 301 -6.39 -3.05 7.81
CA PHE A 301 -7.51 -3.71 8.48
C PHE A 301 -7.02 -4.72 9.52
N ASP A 302 -7.86 -5.02 10.50
CA ASP A 302 -7.58 -6.11 11.44
C ASP A 302 -7.81 -7.45 10.74
N SER A 303 -7.52 -8.54 11.44
CA SER A 303 -7.37 -9.85 10.81
C SER A 303 -8.66 -10.26 10.10
N GLU A 304 -9.81 -9.86 10.65
CA GLU A 304 -11.09 -10.34 10.18
C GLU A 304 -11.85 -9.21 9.46
N GLY A 305 -11.22 -8.05 9.35
CA GLY A 305 -11.78 -6.97 8.56
C GLY A 305 -12.96 -6.29 9.23
N ASN A 306 -12.97 -6.21 10.57
CA ASN A 306 -14.01 -5.48 11.27
C ASN A 306 -13.61 -4.04 11.55
N TYR A 307 -12.28 -3.75 11.58
CA TYR A 307 -11.80 -2.42 11.90
C TYR A 307 -10.82 -1.94 10.84
N MET A 308 -10.70 -0.59 10.71
CA MET A 308 -9.86 0.00 9.69
C MET A 308 -9.05 1.14 10.29
N LEU A 309 -7.73 1.08 10.05
CA LEU A 309 -6.78 2.11 10.41
C LEU A 309 -6.59 3.07 9.24
N THR A 310 -6.54 4.38 9.56
CA THR A 310 -6.33 5.45 8.60
C THR A 310 -5.30 6.44 9.12
N CYS A 311 -4.87 7.34 8.23
CA CYS A 311 -3.91 8.40 8.54
C CYS A 311 -4.60 9.61 9.19
N SER A 312 -3.82 10.38 9.96
CA SER A 312 -4.22 11.71 10.41
C SER A 312 -2.99 12.48 10.85
N ALA A 313 -3.15 13.78 11.09
CA ALA A 313 -2.02 14.67 11.35
C ALA A 313 -1.22 14.15 12.52
N THR A 314 -1.91 13.45 13.43
CA THR A 314 -1.44 13.34 14.78
C THR A 314 -1.31 11.88 15.19
N GLY A 315 -1.72 10.98 14.28
CA GLY A 315 -1.51 9.55 14.45
C GLY A 315 -2.58 8.73 13.71
N GLY A 316 -2.51 7.42 13.92
CA GLY A 316 -3.49 6.49 13.38
C GLY A 316 -4.88 6.73 13.96
N VAL A 317 -5.90 6.67 13.12
CA VAL A 317 -7.28 6.74 13.55
C VAL A 317 -8.00 5.49 13.05
N ILE A 318 -8.69 4.81 13.97
CA ILE A 318 -9.29 3.51 13.67
C ILE A 318 -10.82 3.64 13.71
N TYR A 319 -11.48 3.08 12.70
CA TYR A 319 -12.93 3.04 12.63
C TYR A 319 -13.44 1.60 12.60
N LYS A 320 -14.62 1.39 13.19
CA LYS A 320 -15.37 0.15 13.03
C LYS A 320 -16.08 0.18 11.67
N LEU A 321 -15.88 -0.87 10.87
CA LEU A 321 -16.60 -1.03 9.63
C LEU A 321 -17.97 -1.65 9.91
N GLY A 322 -18.79 -1.73 8.85
CA GLY A 322 -20.07 -2.41 8.87
C GLY A 322 -21.19 -1.48 8.46
N ASP A 324 -23.18 0.73 10.11
CA ASP A 324 -23.14 1.84 9.12
C ASP A 324 -24.17 2.90 9.49
N GLU A 325 -23.78 3.81 10.40
CA GLU A 325 -24.44 5.09 10.59
C GLU A 325 -24.06 6.02 9.44
N LYS A 326 -24.63 7.24 9.44
CA LYS A 326 -24.43 8.20 8.37
C LYS A 326 -23.01 8.75 8.43
N VAL A 327 -22.61 9.26 9.60
CA VAL A 327 -21.23 9.70 9.82
C VAL A 327 -20.46 8.56 10.49
N LEU A 328 -19.42 8.06 9.80
CA LEU A 328 -18.56 7.02 10.34
C LEU A 328 -17.80 7.59 11.53
N GLU A 329 -17.83 6.85 12.67
CA GLU A 329 -17.34 7.40 13.93
C GLU A 329 -16.11 6.61 14.38
N SER A 330 -15.13 7.35 14.90
CA SER A 330 -13.82 6.83 15.28
C SER A 330 -13.91 6.21 16.68
N CYS A 331 -13.45 4.95 16.81
CA CYS A 331 -13.46 4.26 18.09
C CYS A 331 -12.07 4.27 18.78
N LEU A 332 -10.98 4.49 18.05
CA LEU A 332 -9.67 4.48 18.68
C LEU A 332 -8.69 5.40 17.93
N SER A 333 -7.95 6.20 18.70
CA SER A 333 -6.92 7.08 18.20
C SER A 333 -5.58 6.70 18.81
N LEU A 334 -4.59 6.38 17.95
CA LEU A 334 -3.35 5.82 18.43
C LEU A 334 -2.36 6.92 18.82
N GLY A 335 -2.51 8.13 18.23
CA GLY A 335 -1.71 9.28 18.66
C GLY A 335 -0.20 9.05 18.48
N GLY A 336 0.61 9.97 19.00
CA GLY A 336 2.04 9.76 19.16
C GLY A 336 2.87 10.39 18.03
N HIS A 337 2.22 11.13 17.12
CA HIS A 337 2.94 11.68 15.97
C HIS A 337 2.91 13.21 16.02
N ARG A 338 4.09 13.81 15.75
CA ARG A 338 4.26 15.27 15.76
C ARG A 338 4.53 15.76 14.33
N ALA A 339 4.28 14.92 13.34
CA ALA A 339 4.25 15.32 11.95
C ALA A 339 3.21 14.47 11.24
N PRO A 340 2.62 14.90 10.09
CA PRO A 340 1.56 14.11 9.46
C PRO A 340 1.91 12.65 9.26
N VAL A 341 0.91 11.78 9.47
CA VAL A 341 1.01 10.38 9.11
C VAL A 341 0.61 10.22 7.66
N VAL A 342 1.40 9.45 6.91
CA VAL A 342 1.25 9.38 5.46
C VAL A 342 0.98 7.96 4.98
N THR A 343 1.29 6.93 5.78
CA THR A 343 0.98 5.56 5.39
C THR A 343 0.92 4.70 6.66
N VAL A 344 0.28 3.55 6.58
CA VAL A 344 -0.03 2.76 7.76
C VAL A 344 0.04 1.29 7.38
N ASP A 345 0.16 0.42 8.37
CA ASP A 345 -0.10 -0.99 8.17
C ASP A 345 -0.72 -1.59 9.43
N TRP A 346 -1.30 -2.80 9.27
CA TRP A 346 -1.87 -3.56 10.36
C TRP A 346 -1.68 -5.05 10.11
N SER A 347 -0.96 -5.73 10.99
CA SER A 347 -0.79 -7.17 10.87
C SER A 347 -1.14 -7.86 12.19
N THR A 348 -1.55 -9.11 12.09
CA THR A 348 -1.90 -9.89 13.27
C THR A 348 -1.09 -11.18 13.24
N ALA A 349 -0.46 -11.51 14.37
CA ALA A 349 0.40 -12.68 14.51
C ALA A 349 0.50 -13.08 15.98
N MET A 350 0.50 -14.39 16.24
CA MET A 350 0.49 -14.90 17.60
C MET A 350 -0.72 -14.31 18.33
N ASP A 351 -1.79 -14.04 17.57
CA ASP A 351 -3.05 -13.52 18.12
C ASP A 351 -2.85 -12.11 18.70
N CYS A 352 -1.89 -11.36 18.16
CA CYS A 352 -1.71 -9.99 18.57
C CYS A 352 -1.66 -9.05 17.36
N GLY A 353 -2.21 -7.85 17.51
CA GLY A 353 -2.22 -6.86 16.43
C GLY A 353 -1.00 -5.94 16.52
N THR A 354 -0.38 -5.66 15.39
CA THR A 354 0.66 -4.62 15.32
C THR A 354 0.23 -3.54 14.30
N CYS A 355 0.08 -2.31 14.77
CA CYS A 355 -0.19 -1.18 13.88
C CYS A 355 1.07 -0.35 13.67
N LEU A 356 1.39 -0.11 12.40
CA LEU A 356 2.42 0.84 12.01
C LEU A 356 1.75 2.16 11.58
N THR A 357 2.26 3.28 12.10
CA THR A 357 1.93 4.60 11.57
C THR A 357 3.22 5.35 11.26
N ALA A 358 3.33 5.91 10.05
CA ALA A 358 4.57 6.48 9.56
C ALA A 358 4.33 7.92 9.11
N SER A 359 5.16 8.84 9.62
CA SER A 359 4.94 10.27 9.45
C SER A 359 6.09 10.93 8.66
N MET A 360 5.90 12.22 8.35
CA MET A 360 6.72 12.95 7.38
C MET A 360 8.10 13.29 7.94
N ASP A 361 8.27 13.18 9.26
CA ASP A 361 9.55 13.37 9.93
C ASP A 361 10.38 12.07 9.91
N GLY A 362 9.85 11.04 9.26
CA GLY A 362 10.57 9.77 9.15
C GLY A 362 10.29 8.79 10.31
N LYS A 363 9.46 9.18 11.28
CA LYS A 363 9.22 8.34 12.44
C LYS A 363 8.16 7.27 12.12
N ILE A 364 8.38 6.06 12.63
CA ILE A 364 7.40 5.00 12.51
C ILE A 364 7.01 4.54 13.93
N LYS A 365 5.73 4.71 14.28
CA LYS A 365 5.23 4.22 15.55
C LYS A 365 4.70 2.80 15.33
N LEU A 366 5.12 1.88 16.22
CA LEU A 366 4.64 0.52 16.21
C LEU A 366 3.80 0.32 17.48
N THR A 367 2.46 0.30 17.29
CA THR A 367 1.52 0.17 18.40
C THR A 367 1.04 -1.28 18.47
N THR A 368 0.93 -1.82 19.69
CA THR A 368 0.56 -3.22 19.86
C THR A 368 -0.85 -3.29 20.46
N LEU A 369 -1.72 -4.03 19.75
CA LEU A 369 -3.15 -4.08 20.01
C LEU A 369 -3.58 -5.51 20.33
N LEU A 370 -4.31 -5.65 21.44
CA LEU A 370 -4.98 -6.90 21.81
C LEU A 370 -6.48 -6.77 21.58
N ALA A 371 -7.04 -7.73 20.82
CA ALA A 371 -8.48 -7.83 20.63
C ALA A 371 -9.09 -8.59 21.80
N HIS A 372 -9.85 -7.87 22.65
CA HIS A 372 -10.65 -8.50 23.69
C HIS A 372 -11.78 -9.30 23.03
#